data_5I1J
#
_entry.id   5I1J
#
_cell.length_a   64.140
_cell.length_b   73.830
_cell.length_c   102.950
_cell.angle_alpha   90.00
_cell.angle_beta   90.00
_cell.angle_gamma   90.00
#
_symmetry.space_group_name_H-M   'P 21 21 21'
#
loop_
_entity.id
_entity.type
_entity.pdbx_description
1 polymer 'FAB LIGHT CHAIN'
2 polymer 'FAB HEAVY CHAIN'
3 non-polymer GLYCEROL
4 water water
#
loop_
_entity_poly.entity_id
_entity_poly.type
_entity_poly.pdbx_seq_one_letter_code
_entity_poly.pdbx_strand_id
1 'polypeptide(L)'
;EIVLTQSPATLSLSPGERATLSCRASQSVSSYLAWYQQKPGQAPRLLIYDASNRATGIPARFSGSGSGTDFTLTISSLEP
EDFAVYYCQQRSNWPLTFGQGTKVEIKRTVAAPSVFIFPPSDEQLKSGTASVVCLLNNFYPREAKVQWKVDNALQSGNSQ
ESVTEQDSKDSTYSLSSTLTLSKADYEKHKVYACEVTHQGLSSPVTKSFNRGEC
;
L
2 'polypeptide(L)'
;EVQLVQSGAEVKKPGESLKISCKGSGYSFTSYWIGWVRQMPGKGLEWMGIIYPGDSDTRYSPSFQGQVTISADKSISTAY
LQWSSLKASDTAMYYCARYDGIYGELDFWGQGTLVTVSSASTKGPSVFPLAPSSKSTSGGTAALGCLVKDYFPEPVTVSW
NSGALTSGVHTFPAVLQSSGLYSLSSVVTVPSSSLGTQTYICNVNHKPSNTKVDKKVEPKSCHHHHHH
;
H
#
# COMPACT_ATOMS: atom_id res chain seq x y z
N GLU A 1 -3.31 -7.31 -28.14
CA GLU A 1 -2.32 -6.64 -27.26
C GLU A 1 -1.31 -7.64 -26.69
N ILE A 2 -0.09 -7.16 -26.45
CA ILE A 2 0.99 -8.01 -25.94
C ILE A 2 0.93 -8.11 -24.42
N VAL A 3 0.71 -9.33 -23.94
CA VAL A 3 0.64 -9.62 -22.51
C VAL A 3 2.02 -10.06 -21.99
N LEU A 4 2.49 -9.33 -20.97
CA LEU A 4 3.76 -9.60 -20.27
C LEU A 4 3.47 -10.31 -18.96
N THR A 5 4.08 -11.48 -18.79
CA THR A 5 3.86 -12.28 -17.59
C THR A 5 5.18 -12.33 -16.82
N GLN A 6 5.16 -11.89 -15.57
CA GLN A 6 6.35 -11.86 -14.75
C GLN A 6 6.41 -12.96 -13.73
N SER A 7 7.62 -13.42 -13.42
CA SER A 7 7.82 -14.48 -12.42
C SER A 7 9.21 -14.41 -11.80
N PRO A 8 9.36 -14.79 -10.51
CA PRO A 8 8.28 -15.18 -9.62
C PRO A 8 7.50 -13.94 -9.17
N ALA A 9 6.34 -14.15 -8.54
CA ALA A 9 5.56 -13.05 -8.03
C ALA A 9 6.37 -12.34 -6.93
N THR A 10 7.04 -13.13 -6.08
CA THR A 10 7.85 -12.62 -4.97
C THR A 10 9.17 -13.35 -4.88
N LEU A 11 10.26 -12.58 -4.94
CA LEU A 11 11.59 -13.08 -4.63
C LEU A 11 11.95 -12.67 -3.23
N SER A 12 12.34 -13.63 -2.42
CA SER A 12 12.88 -13.36 -1.12
C SER A 12 14.35 -13.68 -1.17
N LEU A 13 15.19 -12.66 -1.02
CA LEU A 13 16.64 -12.85 -1.02
C LEU A 13 17.29 -11.96 0.03
N SER A 14 18.51 -12.32 0.45
CA SER A 14 19.27 -11.57 1.45
C SER A 14 20.15 -10.56 0.73
N PRO A 15 20.45 -9.42 1.39
CA PRO A 15 21.40 -8.46 0.80
C PRO A 15 22.74 -9.15 0.49
N GLY A 16 23.18 -9.04 -0.75
CA GLY A 16 24.37 -9.75 -1.23
C GLY A 16 24.08 -10.89 -2.20
N GLU A 17 22.87 -11.45 -2.13
CA GLU A 17 22.46 -12.50 -3.06
C GLU A 17 22.17 -11.98 -4.49
N ARG A 18 22.18 -12.90 -5.45
CA ARG A 18 21.92 -12.56 -6.85
C ARG A 18 20.44 -12.72 -7.10
N ALA A 19 19.86 -11.70 -7.75
CA ALA A 19 18.45 -11.70 -8.07
C ALA A 19 18.26 -11.91 -9.57
N THR A 20 17.37 -12.84 -9.90
CA THR A 20 17.04 -13.17 -11.27
C THR A 20 15.52 -13.10 -11.46
N LEU A 21 15.08 -12.14 -12.27
CA LEU A 21 13.66 -11.89 -12.54
C LEU A 21 13.32 -12.10 -14.03
N SER A 22 12.16 -12.73 -14.31
CA SER A 22 11.74 -13.05 -15.68
C SER A 22 10.50 -12.29 -16.19
N CYS A 23 10.54 -11.95 -17.47
CA CYS A 23 9.40 -11.34 -18.16
C CYS A 23 9.21 -12.11 -19.45
N ARG A 24 8.00 -12.62 -19.64
CA ARG A 24 7.66 -13.38 -20.82
C ARG A 24 6.52 -12.67 -21.56
N ALA A 25 6.74 -12.42 -22.85
CA ALA A 25 5.80 -11.75 -23.71
C ALA A 25 5.00 -12.75 -24.55
N SER A 26 3.74 -12.42 -24.80
CA SER A 26 2.80 -13.30 -25.51
C SER A 26 3.12 -13.43 -27.02
N GLN A 27 3.97 -12.53 -27.51
CA GLN A 27 4.53 -12.59 -28.84
C GLN A 27 5.85 -11.85 -28.83
N SER A 28 6.64 -12.04 -29.88
CA SER A 28 7.91 -11.33 -29.89
C SER A 28 7.75 -9.82 -29.74
N VAL A 29 8.55 -9.22 -28.89
CA VAL A 29 8.59 -7.79 -28.81
C VAL A 29 9.94 -7.28 -29.27
N SER A 30 10.73 -8.16 -29.86
CA SER A 30 12.07 -7.84 -30.32
C SER A 30 12.98 -7.53 -29.16
N SER A 31 13.61 -6.38 -29.16
CA SER A 31 14.38 -5.95 -27.98
C SER A 31 13.75 -4.74 -27.28
N TYR A 32 12.50 -4.43 -27.61
CA TYR A 32 11.84 -3.25 -27.06
C TYR A 32 11.24 -3.52 -25.69
N LEU A 33 12.09 -3.84 -24.74
CA LEU A 33 11.64 -4.13 -23.40
C LEU A 33 12.42 -3.36 -22.35
N ALA A 34 11.68 -2.65 -21.48
CA ALA A 34 12.26 -1.85 -20.40
C ALA A 34 12.00 -2.47 -19.01
N TRP A 35 12.91 -2.27 -18.07
CA TRP A 35 12.62 -2.63 -16.65
C TRP A 35 12.53 -1.40 -15.73
N TYR A 36 11.53 -1.40 -14.87
CA TYR A 36 11.30 -0.28 -13.97
C TYR A 36 11.35 -0.79 -12.54
N GLN A 37 11.79 0.09 -11.64
CA GLN A 37 11.77 -0.16 -10.21
C GLN A 37 10.78 0.78 -9.51
N GLN A 38 9.98 0.25 -8.60
CA GLN A 38 9.05 1.07 -7.83
C GLN A 38 9.05 0.79 -6.33
N LYS A 39 9.30 1.84 -5.55
CA LYS A 39 9.15 1.74 -4.10
C LYS A 39 7.82 2.37 -3.67
N PRO A 40 7.28 1.98 -2.50
CA PRO A 40 5.92 2.46 -2.16
C PRO A 40 5.78 3.99 -2.09
N GLY A 41 4.66 4.49 -2.61
CA GLY A 41 4.36 5.92 -2.70
C GLY A 41 5.28 6.71 -3.62
N GLN A 42 6.08 6.01 -4.42
CA GLN A 42 6.96 6.67 -5.37
C GLN A 42 6.65 6.27 -6.80
N ALA A 43 6.95 7.18 -7.71
CA ALA A 43 6.88 6.91 -9.12
C ALA A 43 7.87 5.80 -9.49
N PRO A 44 7.53 5.00 -10.52
CA PRO A 44 8.46 4.06 -11.14
C PRO A 44 9.68 4.75 -11.69
N ARG A 45 10.79 4.00 -11.72
CA ARG A 45 12.09 4.52 -12.11
C ARG A 45 12.69 3.55 -13.13
N LEU A 46 13.03 4.08 -14.31
CA LEU A 46 13.65 3.31 -15.39
C LEU A 46 15.06 2.79 -15.06
N LEU A 47 15.26 1.48 -15.20
CA LEU A 47 16.56 0.88 -14.95
C LEU A 47 17.24 0.44 -16.24
N ILE A 48 16.49 -0.30 -17.06
CA ILE A 48 16.98 -0.92 -18.27
C ILE A 48 16.04 -0.53 -19.42
N TYR A 49 16.62 -0.10 -20.52
CA TYR A 49 15.89 0.17 -21.77
C TYR A 49 16.47 -0.67 -22.92
N ASP A 50 15.64 -0.93 -23.93
CA ASP A 50 15.98 -1.83 -25.03
C ASP A 50 16.62 -3.14 -24.58
N ALA A 51 16.06 -3.71 -23.52
CA ALA A 51 16.41 -5.04 -23.00
C ALA A 51 17.71 -5.16 -22.20
N SER A 52 18.75 -4.44 -22.61
CA SER A 52 20.09 -4.63 -22.05
C SER A 52 20.85 -3.35 -21.69
N ASN A 53 20.29 -2.20 -22.05
CA ASN A 53 20.96 -0.94 -21.81
C ASN A 53 20.57 -0.29 -20.48
N ARG A 54 21.57 0.01 -19.66
CA ARG A 54 21.34 0.73 -18.40
C ARG A 54 20.99 2.19 -18.65
N ALA A 55 19.90 2.66 -18.05
CA ALA A 55 19.56 4.07 -18.07
C ALA A 55 20.62 4.87 -17.29
N THR A 56 20.70 6.17 -17.53
CA THR A 56 21.77 6.95 -16.91
C THR A 56 21.59 7.04 -15.39
N GLY A 57 22.66 6.79 -14.64
CA GLY A 57 22.61 6.82 -13.19
C GLY A 57 22.51 5.45 -12.55
N ILE A 58 22.05 4.45 -13.31
CA ILE A 58 21.84 3.08 -12.83
C ILE A 58 23.17 2.33 -12.62
N PRO A 59 23.41 1.79 -11.39
CA PRO A 59 24.67 1.10 -11.10
C PRO A 59 24.86 -0.17 -11.93
N ALA A 60 26.12 -0.58 -12.08
CA ALA A 60 26.50 -1.75 -12.89
C ALA A 60 25.89 -3.07 -12.45
N ARG A 61 25.52 -3.19 -11.17
CA ARG A 61 24.88 -4.42 -10.64
C ARG A 61 23.58 -4.83 -11.38
N PHE A 62 22.94 -3.86 -12.05
CA PHE A 62 21.77 -4.12 -12.90
C PHE A 62 22.16 -4.46 -14.34
N SER A 63 21.62 -5.55 -14.85
CA SER A 63 21.84 -5.93 -16.24
C SER A 63 20.60 -6.68 -16.75
N GLY A 64 20.45 -6.71 -18.07
CA GLY A 64 19.34 -7.45 -18.68
C GLY A 64 19.81 -8.17 -19.92
N SER A 65 19.11 -9.25 -20.25
CA SER A 65 19.23 -9.88 -21.56
C SER A 65 17.91 -10.49 -21.98
N GLY A 66 17.92 -11.04 -23.19
CA GLY A 66 16.73 -11.56 -23.81
C GLY A 66 16.34 -10.71 -25.00
N SER A 67 15.63 -11.34 -25.92
CA SER A 67 15.04 -10.69 -27.08
C SER A 67 13.97 -11.64 -27.55
N GLY A 68 12.98 -11.12 -28.27
CA GLY A 68 11.88 -11.93 -28.73
C GLY A 68 10.81 -11.98 -27.66
N THR A 69 10.74 -13.10 -26.94
CA THR A 69 9.68 -13.34 -25.98
C THR A 69 10.16 -13.66 -24.57
N ASP A 70 11.46 -13.82 -24.37
CA ASP A 70 11.97 -14.15 -23.03
C ASP A 70 13.03 -13.16 -22.51
N PHE A 71 12.78 -12.60 -21.33
CA PHE A 71 13.69 -11.60 -20.80
C PHE A 71 14.02 -11.82 -19.33
N THR A 72 15.23 -11.41 -18.94
CA THR A 72 15.70 -11.56 -17.57
C THR A 72 16.36 -10.29 -17.08
N LEU A 73 15.90 -9.80 -15.94
CA LEU A 73 16.65 -8.78 -15.24
C LEU A 73 17.47 -9.45 -14.15
N THR A 74 18.70 -9.01 -14.03
CA THR A 74 19.63 -9.54 -13.04
C THR A 74 20.17 -8.39 -12.22
N ILE A 75 20.14 -8.56 -10.91
CA ILE A 75 20.83 -7.67 -9.99
C ILE A 75 21.90 -8.58 -9.43
N SER A 76 23.16 -8.29 -9.73
CA SER A 76 24.25 -9.24 -9.47
C SER A 76 24.40 -9.54 -7.97
N SER A 77 24.25 -8.49 -7.18
CA SER A 77 24.39 -8.54 -5.72
C SER A 77 23.47 -7.49 -5.14
N LEU A 78 22.52 -7.92 -4.31
CA LEU A 78 21.51 -7.00 -3.78
C LEU A 78 22.00 -6.04 -2.68
N GLU A 79 21.76 -4.76 -2.91
CA GLU A 79 21.96 -3.71 -1.92
C GLU A 79 20.62 -3.46 -1.20
N PRO A 80 20.64 -2.92 0.04
CA PRO A 80 19.40 -2.62 0.76
C PRO A 80 18.39 -1.81 -0.07
N GLU A 81 18.86 -0.83 -0.81
CA GLU A 81 17.99 0.01 -1.65
C GLU A 81 17.34 -0.74 -2.84
N ASP A 82 17.63 -2.02 -3.05
CA ASP A 82 17.16 -2.70 -4.26
C ASP A 82 15.87 -3.47 -4.05
N PHE A 83 15.45 -3.59 -2.80
CA PHE A 83 14.24 -4.29 -2.49
C PHE A 83 13.04 -3.43 -2.80
N ALA A 84 12.25 -3.87 -3.78
CA ALA A 84 11.13 -3.10 -4.32
C ALA A 84 10.36 -3.96 -5.33
N VAL A 85 9.50 -3.34 -6.11
CA VAL A 85 8.70 -4.05 -7.10
C VAL A 85 9.33 -3.72 -8.45
N TYR A 86 9.49 -4.73 -9.29
CA TYR A 86 10.06 -4.53 -10.60
C TYR A 86 9.02 -4.84 -11.68
N TYR A 87 8.92 -3.93 -12.64
CA TYR A 87 7.99 -4.06 -13.74
C TYR A 87 8.75 -4.17 -15.06
N CYS A 88 8.25 -5.00 -15.95
CA CYS A 88 8.70 -4.94 -17.33
C CYS A 88 7.65 -4.23 -18.15
N GLN A 89 8.10 -3.61 -19.24
CA GLN A 89 7.25 -2.91 -20.14
C GLN A 89 7.71 -3.16 -21.56
N GLN A 90 6.76 -3.43 -22.45
CA GLN A 90 7.10 -3.52 -23.87
C GLN A 90 6.71 -2.24 -24.61
N ARG A 91 7.57 -1.85 -25.55
CA ARG A 91 7.39 -0.64 -26.35
C ARG A 91 7.35 -1.01 -27.83
N SER A 92 7.05 -2.28 -28.11
CA SER A 92 7.11 -2.83 -29.45
C SER A 92 5.88 -2.47 -30.27
N ASN A 93 4.71 -2.57 -29.64
CA ASN A 93 3.46 -2.32 -30.34
C ASN A 93 2.49 -1.60 -29.42
N TRP A 94 1.51 -0.92 -30.02
CA TRP A 94 0.44 -0.26 -29.26
C TRP A 94 -0.66 -1.28 -28.91
N PRO A 95 -1.19 -1.23 -27.67
CA PRO A 95 -0.84 -0.37 -26.54
C PRO A 95 0.43 -0.76 -25.81
N LEU A 96 1.10 0.25 -25.25
CA LEU A 96 2.15 0.02 -24.26
C LEU A 96 1.56 -0.84 -23.15
N THR A 97 2.27 -1.89 -22.77
CA THR A 97 1.78 -2.75 -21.71
C THR A 97 2.89 -3.07 -20.74
N PHE A 98 2.50 -3.42 -19.51
CA PHE A 98 3.44 -3.74 -18.43
C PHE A 98 3.19 -5.15 -17.92
N GLY A 99 4.22 -5.75 -17.32
CA GLY A 99 4.05 -6.97 -16.55
C GLY A 99 3.34 -6.62 -15.27
N GLN A 100 2.94 -7.63 -14.51
CA GLN A 100 2.13 -7.40 -13.31
C GLN A 100 2.98 -7.21 -12.04
N GLY A 101 4.31 -7.18 -12.23
CA GLY A 101 5.25 -6.92 -11.15
C GLY A 101 5.83 -8.13 -10.44
N THR A 102 7.10 -8.00 -10.05
CA THR A 102 7.76 -8.95 -9.16
C THR A 102 8.26 -8.18 -7.94
N LYS A 103 7.87 -8.63 -6.76
CA LYS A 103 8.30 -7.99 -5.51
C LYS A 103 9.56 -8.66 -4.96
N VAL A 104 10.65 -7.90 -4.87
CA VAL A 104 11.88 -8.38 -4.26
C VAL A 104 11.90 -7.98 -2.79
N GLU A 105 11.85 -8.98 -1.93
CA GLU A 105 11.63 -8.82 -0.50
C GLU A 105 12.86 -9.35 0.26
N ILE A 106 13.20 -8.76 1.40
CA ILE A 106 14.37 -9.24 2.14
C ILE A 106 14.17 -10.52 2.96
N LYS A 107 14.89 -11.57 2.56
CA LYS A 107 14.91 -12.82 3.34
C LYS A 107 15.84 -12.65 4.54
N ARG A 108 15.34 -13.06 5.70
CA ARG A 108 16.12 -13.12 6.94
C ARG A 108 15.71 -14.42 7.63
N THR A 109 16.30 -14.73 8.78
CA THR A 109 15.88 -15.90 9.56
C THR A 109 14.42 -15.80 9.97
N VAL A 110 13.76 -16.96 10.01
CA VAL A 110 12.37 -17.04 10.42
C VAL A 110 12.25 -16.49 11.84
N ALA A 111 11.22 -15.67 12.08
CA ALA A 111 10.89 -15.22 13.42
C ALA A 111 9.41 -15.39 13.70
N ALA A 112 9.10 -16.03 14.83
CA ALA A 112 7.73 -16.25 15.27
C ALA A 112 7.14 -14.93 15.75
N PRO A 113 5.86 -14.69 15.42
CA PRO A 113 5.16 -13.51 15.90
C PRO A 113 4.98 -13.57 17.40
N SER A 114 5.04 -12.42 18.07
CA SER A 114 4.48 -12.29 19.41
C SER A 114 3.02 -11.91 19.20
N VAL A 115 2.12 -12.62 19.86
CA VAL A 115 0.68 -12.48 19.66
C VAL A 115 0.04 -11.79 20.86
N PHE A 116 -0.89 -10.88 20.60
CA PHE A 116 -1.56 -10.09 21.63
C PHE A 116 -3.01 -9.91 21.21
N ILE A 117 -3.92 -10.15 22.13
CA ILE A 117 -5.35 -9.98 21.86
C ILE A 117 -5.89 -8.82 22.69
N PHE A 118 -6.83 -8.06 22.12
CA PHE A 118 -7.41 -6.91 22.79
C PHE A 118 -8.92 -7.00 22.72
N PRO A 119 -9.58 -7.00 23.89
CA PRO A 119 -11.04 -6.92 23.96
C PRO A 119 -11.55 -5.56 23.48
N PRO A 120 -12.82 -5.48 23.08
CA PRO A 120 -13.33 -4.14 22.78
C PRO A 120 -13.42 -3.28 24.04
N SER A 121 -13.34 -1.97 23.86
CA SER A 121 -13.45 -1.03 24.98
C SER A 121 -14.90 -0.89 25.37
N ASP A 122 -15.15 -0.52 26.62
CA ASP A 122 -16.50 -0.24 27.08
C ASP A 122 -17.15 0.90 26.31
N GLU A 123 -16.36 1.92 26.00
CA GLU A 123 -16.83 3.08 25.23
C GLU A 123 -17.39 2.67 23.87
N GLN A 124 -16.69 1.76 23.17
CA GLN A 124 -17.17 1.27 21.87
C GLN A 124 -18.51 0.55 22.00
N LEU A 125 -18.61 -0.33 23.00
CA LEU A 125 -19.82 -1.10 23.28
C LEU A 125 -21.02 -0.20 23.54
N LYS A 126 -20.79 0.91 24.24
CA LYS A 126 -21.85 1.88 24.49
C LYS A 126 -22.61 2.25 23.21
N SER A 127 -21.95 2.26 22.06
CA SER A 127 -22.59 2.69 20.81
C SER A 127 -22.90 1.58 19.79
N GLY A 128 -22.87 0.32 20.25
CA GLY A 128 -23.51 -0.77 19.50
C GLY A 128 -22.68 -1.72 18.64
N THR A 129 -21.37 -1.56 18.64
CA THR A 129 -20.49 -2.41 17.83
C THR A 129 -19.28 -2.86 18.65
N ALA A 130 -18.77 -4.06 18.36
CA ALA A 130 -17.60 -4.60 19.05
C ALA A 130 -16.46 -4.91 18.07
N SER A 131 -15.27 -4.40 18.38
CA SER A 131 -14.08 -4.66 17.60
C SER A 131 -13.12 -5.40 18.48
N VAL A 132 -12.85 -6.66 18.16
CA VAL A 132 -11.85 -7.42 18.88
C VAL A 132 -10.60 -7.41 18.00
N VAL A 133 -9.46 -7.06 18.58
CA VAL A 133 -8.24 -6.90 17.79
C VAL A 133 -7.19 -7.90 18.24
N CYS A 134 -6.37 -8.33 17.29
CA CYS A 134 -5.28 -9.27 17.55
C CYS A 134 -4.03 -8.74 16.86
N LEU A 135 -2.92 -8.70 17.58
CA LEU A 135 -1.69 -8.21 16.99
C LEU A 135 -0.67 -9.34 16.87
N LEU A 136 -0.07 -9.46 15.69
CA LEU A 136 1.06 -10.37 15.51
C LEU A 136 2.29 -9.50 15.20
N ASN A 137 3.22 -9.48 16.14
CA ASN A 137 4.33 -8.53 16.09
C ASN A 137 5.67 -9.12 15.67
N ASN A 138 6.36 -8.41 14.80
CA ASN A 138 7.78 -8.70 14.44
C ASN A 138 8.07 -10.13 13.98
N PHE A 139 7.43 -10.56 12.89
CA PHE A 139 7.60 -11.91 12.36
C PHE A 139 8.17 -11.95 10.95
N TYR A 140 8.82 -13.05 10.61
CA TYR A 140 9.23 -13.30 9.24
C TYR A 140 9.16 -14.80 8.98
N PRO A 141 8.60 -15.23 7.85
CA PRO A 141 8.11 -14.48 6.68
C PRO A 141 6.70 -13.92 6.81
N ARG A 142 6.25 -13.26 5.74
CA ARG A 142 5.05 -12.45 5.74
C ARG A 142 3.82 -13.32 5.95
N GLU A 143 3.88 -14.54 5.45
CA GLU A 143 2.71 -15.40 5.40
C GLU A 143 2.33 -15.90 6.79
N ALA A 144 1.12 -15.57 7.22
CA ALA A 144 0.61 -15.94 8.53
C ALA A 144 -0.91 -16.09 8.44
N LYS A 145 -1.44 -17.06 9.19
CA LYS A 145 -2.88 -17.22 9.24
C LYS A 145 -3.39 -16.84 10.63
N VAL A 146 -4.31 -15.87 10.66
CA VAL A 146 -5.05 -15.55 11.87
C VAL A 146 -6.40 -16.24 11.76
N GLN A 147 -6.71 -17.08 12.76
CA GLN A 147 -8.02 -17.67 12.87
C GLN A 147 -8.74 -17.20 14.15
N TRP A 148 -9.83 -16.49 13.98
CA TRP A 148 -10.66 -16.04 15.10
C TRP A 148 -11.60 -17.17 15.53
N LYS A 149 -11.76 -17.30 16.84
CA LYS A 149 -12.67 -18.26 17.43
C LYS A 149 -13.53 -17.57 18.48
N VAL A 150 -14.82 -17.82 18.39
CA VAL A 150 -15.76 -17.35 19.36
C VAL A 150 -16.40 -18.62 19.93
N ASP A 151 -16.13 -18.91 21.20
CA ASP A 151 -16.56 -20.16 21.88
C ASP A 151 -16.29 -21.39 21.02
N ASN A 152 -15.07 -21.42 20.47
CA ASN A 152 -14.56 -22.49 19.60
C ASN A 152 -15.10 -22.48 18.16
N ALA A 153 -16.01 -21.57 17.86
CA ALA A 153 -16.56 -21.49 16.51
C ALA A 153 -15.59 -20.73 15.62
N LEU A 154 -15.09 -21.39 14.58
CA LEU A 154 -14.15 -20.76 13.66
C LEU A 154 -14.89 -19.66 12.92
N GLN A 155 -14.35 -18.45 12.99
CA GLN A 155 -14.99 -17.28 12.38
C GLN A 155 -14.45 -17.00 10.99
N SER A 156 -15.33 -16.59 10.09
CA SER A 156 -14.92 -16.34 8.75
C SER A 156 -15.73 -15.19 8.16
N GLY A 157 -15.09 -14.39 7.31
CA GLY A 157 -15.76 -13.29 6.58
C GLY A 157 -16.06 -12.02 7.38
N ASN A 158 -15.87 -12.07 8.70
CA ASN A 158 -16.14 -10.92 9.57
C ASN A 158 -14.89 -10.26 10.19
N SER A 159 -13.73 -10.51 9.58
CA SER A 159 -12.49 -9.93 10.04
C SER A 159 -11.76 -9.21 8.89
N GLN A 160 -10.88 -8.29 9.24
CA GLN A 160 -10.01 -7.64 8.25
C GLN A 160 -8.65 -7.52 8.86
N GLU A 161 -7.63 -7.53 8.01
CA GLU A 161 -6.26 -7.41 8.46
C GLU A 161 -5.44 -6.49 7.58
N SER A 162 -4.37 -5.94 8.14
CA SER A 162 -3.36 -5.26 7.37
C SER A 162 -1.98 -5.54 7.95
N VAL A 163 -0.95 -5.29 7.14
CA VAL A 163 0.39 -5.72 7.43
C VAL A 163 1.28 -4.52 7.18
N THR A 164 2.19 -4.25 8.12
CA THR A 164 3.20 -3.20 7.93
C THR A 164 4.17 -3.51 6.78
N GLU A 165 4.76 -2.45 6.24
CA GLU A 165 5.87 -2.63 5.33
C GLU A 165 7.00 -3.28 6.10
N GLN A 166 7.80 -4.06 5.38
CA GLN A 166 8.96 -4.70 5.96
C GLN A 166 9.82 -3.65 6.70
N ASP A 167 10.24 -3.99 7.92
CA ASP A 167 10.98 -3.07 8.77
C ASP A 167 12.40 -2.81 8.27
N SER A 168 12.78 -1.54 8.25
CA SER A 168 14.09 -1.11 7.74
C SER A 168 15.26 -1.51 8.63
N LYS A 169 15.00 -1.75 9.90
CA LYS A 169 16.04 -2.12 10.84
C LYS A 169 16.24 -3.64 10.95
N ASP A 170 15.15 -4.40 11.13
CA ASP A 170 15.24 -5.86 11.32
C ASP A 170 14.47 -6.74 10.30
N SER A 171 13.90 -6.09 9.27
CA SER A 171 13.26 -6.79 8.13
C SER A 171 12.11 -7.72 8.49
N THR A 172 11.42 -7.47 9.60
CA THR A 172 10.24 -8.24 9.98
C THR A 172 8.95 -7.53 9.54
N TYR A 173 7.83 -8.20 9.78
CA TYR A 173 6.50 -7.71 9.50
C TYR A 173 5.68 -7.74 10.78
N SER A 174 4.69 -6.85 10.86
CA SER A 174 3.68 -6.90 11.90
C SER A 174 2.31 -6.85 11.24
N LEU A 175 1.34 -7.53 11.84
CA LEU A 175 0.00 -7.68 11.28
C LEU A 175 -1.06 -7.38 12.33
N SER A 176 -2.08 -6.63 11.92
CA SER A 176 -3.20 -6.33 12.81
C SER A 176 -4.46 -6.90 12.20
N SER A 177 -5.17 -7.72 12.97
CA SER A 177 -6.48 -8.22 12.55
C SER A 177 -7.60 -7.75 13.48
N THR A 178 -8.72 -7.32 12.89
CA THR A 178 -9.89 -6.89 13.64
C THR A 178 -11.08 -7.80 13.36
N LEU A 179 -11.66 -8.36 14.42
CA LEU A 179 -12.93 -9.06 14.31
C LEU A 179 -14.01 -8.05 14.68
N THR A 180 -15.04 -7.96 13.84
CA THR A 180 -16.12 -7.03 14.09
C THR A 180 -17.42 -7.76 14.23
N LEU A 181 -18.11 -7.56 15.35
CA LEU A 181 -19.48 -8.01 15.49
C LEU A 181 -20.34 -6.95 16.16
N SER A 182 -21.66 -7.13 16.08
CA SER A 182 -22.61 -6.25 16.77
C SER A 182 -22.46 -6.38 18.28
N LYS A 183 -22.83 -5.36 19.03
CA LYS A 183 -22.80 -5.41 20.49
C LYS A 183 -23.58 -6.63 20.97
N ALA A 184 -24.78 -6.79 20.45
CA ALA A 184 -25.67 -7.91 20.82
C ALA A 184 -24.99 -9.29 20.63
N ASP A 185 -24.29 -9.46 19.52
CA ASP A 185 -23.57 -10.71 19.25
C ASP A 185 -22.41 -10.89 20.22
N TYR A 186 -21.67 -9.82 20.47
CA TYR A 186 -20.51 -9.89 21.35
C TYR A 186 -20.91 -10.41 22.73
N GLU A 187 -22.07 -9.95 23.20
CA GLU A 187 -22.54 -10.23 24.55
C GLU A 187 -23.14 -11.63 24.77
N LYS A 188 -23.39 -12.37 23.69
CA LYS A 188 -23.89 -13.75 23.77
C LYS A 188 -22.76 -14.71 24.13
N HIS A 189 -21.51 -14.36 23.80
CA HIS A 189 -20.41 -15.32 23.87
C HIS A 189 -19.40 -15.09 25.01
N LYS A 190 -18.67 -16.15 25.38
CA LYS A 190 -17.73 -16.09 26.51
C LYS A 190 -16.28 -15.96 26.05
N VAL A 191 -15.81 -16.93 25.24
CA VAL A 191 -14.39 -17.04 24.93
C VAL A 191 -14.05 -16.51 23.54
N TYR A 192 -13.20 -15.49 23.50
CA TYR A 192 -12.77 -14.86 22.26
C TYR A 192 -11.30 -15.15 22.04
N ALA A 193 -10.99 -15.80 20.93
CA ALA A 193 -9.64 -16.33 20.73
C ALA A 193 -9.07 -16.00 19.37
N CYS A 194 -7.78 -15.75 19.39
CA CYS A 194 -7.02 -15.49 18.21
C CYS A 194 -6.00 -16.62 18.09
N GLU A 195 -6.17 -17.48 17.09
CA GLU A 195 -5.20 -18.55 16.79
C GLU A 195 -4.28 -18.19 15.63
N VAL A 196 -2.98 -18.22 15.88
CA VAL A 196 -2.00 -17.81 14.89
C VAL A 196 -1.17 -19.01 14.39
N THR A 197 -1.24 -19.26 13.09
CA THR A 197 -0.40 -20.24 12.42
C THR A 197 0.73 -19.52 11.67
N HIS A 198 1.97 -19.92 11.94
CA HIS A 198 3.14 -19.32 11.29
C HIS A 198 4.29 -20.32 11.30
N GLN A 199 5.14 -20.26 10.26
CA GLN A 199 6.27 -21.21 10.12
C GLN A 199 7.21 -21.15 11.29
N GLY A 200 7.25 -20.01 11.97
CA GLY A 200 8.11 -19.80 13.14
C GLY A 200 7.58 -20.48 14.38
N LEU A 201 6.34 -20.97 14.29
CA LEU A 201 5.68 -21.59 15.42
C LEU A 201 5.53 -23.07 15.17
N SER A 202 6.13 -23.85 16.05
CA SER A 202 6.04 -25.29 16.01
C SER A 202 4.59 -25.74 15.81
N SER A 203 3.69 -25.19 16.62
CA SER A 203 2.25 -25.43 16.48
C SER A 203 1.54 -24.13 16.76
N PRO A 204 0.30 -23.96 16.27
CA PRO A 204 -0.41 -22.68 16.38
C PRO A 204 -0.46 -22.09 17.78
N VAL A 205 -0.34 -20.77 17.89
CA VAL A 205 -0.45 -20.10 19.17
C VAL A 205 -1.81 -19.43 19.29
N THR A 206 -2.43 -19.58 20.46
CA THR A 206 -3.73 -18.99 20.73
C THR A 206 -3.68 -18.04 21.91
N LYS A 207 -4.21 -16.84 21.70
CA LYS A 207 -4.42 -15.90 22.77
C LYS A 207 -5.91 -15.63 22.87
N SER A 208 -6.41 -15.57 24.09
CA SER A 208 -7.83 -15.34 24.31
C SER A 208 -8.12 -14.58 25.62
N PHE A 209 -9.40 -14.23 25.79
CA PHE A 209 -9.91 -13.63 27.00
C PHE A 209 -11.37 -14.08 27.12
N ASN A 210 -11.85 -14.15 28.35
CA ASN A 210 -13.27 -14.37 28.62
C ASN A 210 -13.98 -13.03 28.76
N ARG A 211 -15.04 -12.81 28.00
CA ARG A 211 -15.78 -11.54 28.08
C ARG A 211 -16.15 -11.12 29.52
N GLY A 212 -15.67 -9.94 29.92
CA GLY A 212 -16.04 -9.30 31.18
C GLY A 212 -15.31 -9.72 32.46
N GLU A 213 -14.24 -10.51 32.31
CA GLU A 213 -13.48 -11.01 33.44
C GLU A 213 -12.01 -10.59 33.39
N CYS A 214 -11.38 -10.55 34.57
CA CYS A 214 -9.97 -10.18 34.70
C CYS A 214 -9.13 -11.37 35.18
N GLU B 1 16.53 21.81 -15.12
CA GLU B 1 16.21 20.41 -14.72
C GLU B 1 14.85 20.00 -15.28
N VAL B 2 14.76 18.81 -15.86
CA VAL B 2 13.49 18.33 -16.40
C VAL B 2 12.57 17.80 -15.27
N GLN B 3 11.33 18.29 -15.23
CA GLN B 3 10.36 17.74 -14.26
C GLN B 3 8.91 17.77 -14.70
N LEU B 4 8.19 16.73 -14.28
CA LEU B 4 6.75 16.67 -14.43
C LEU B 4 6.12 16.82 -13.06
N VAL B 5 5.26 17.82 -12.92
CA VAL B 5 4.60 18.07 -11.66
C VAL B 5 3.08 17.88 -11.85
N GLN B 6 2.52 16.96 -11.07
CA GLN B 6 1.11 16.68 -11.15
C GLN B 6 0.36 17.42 -10.05
N SER B 7 -0.91 17.68 -10.31
CA SER B 7 -1.79 18.38 -9.39
C SER B 7 -2.07 17.53 -8.13
N GLY B 8 -2.66 18.14 -7.11
CA GLY B 8 -2.83 17.48 -5.81
C GLY B 8 -3.84 16.34 -5.77
N ALA B 9 -3.81 15.57 -4.69
CA ALA B 9 -4.75 14.45 -4.50
C ALA B 9 -6.20 14.92 -4.56
N GLU B 10 -7.08 13.99 -4.93
CA GLU B 10 -8.50 14.30 -5.09
C GLU B 10 -9.37 13.25 -4.41
N VAL B 11 -10.42 13.73 -3.76
CA VAL B 11 -11.43 12.88 -3.14
C VAL B 11 -12.79 13.28 -3.70
N LYS B 12 -13.42 12.35 -4.44
CA LYS B 12 -14.62 12.63 -5.24
C LYS B 12 -15.73 11.64 -4.99
N LYS B 13 -16.92 11.97 -5.46
CA LYS B 13 -18.10 11.12 -5.33
C LYS B 13 -18.39 10.55 -6.70
N PRO B 14 -18.95 9.33 -6.74
CA PRO B 14 -19.40 8.78 -8.01
C PRO B 14 -20.30 9.76 -8.75
N GLY B 15 -20.05 9.95 -10.04
CA GLY B 15 -20.87 10.86 -10.84
C GLY B 15 -20.30 12.25 -10.98
N GLU B 16 -19.26 12.58 -10.23
CA GLU B 16 -18.66 13.90 -10.33
C GLU B 16 -17.66 13.94 -11.51
N SER B 17 -17.36 15.14 -11.99
CA SER B 17 -16.36 15.27 -13.04
C SER B 17 -15.03 15.61 -12.38
N LEU B 18 -13.93 15.35 -13.09
CA LEU B 18 -12.59 15.59 -12.59
C LEU B 18 -11.61 15.72 -13.74
N LYS B 19 -10.75 16.73 -13.65
CA LYS B 19 -9.67 16.93 -14.59
C LYS B 19 -8.38 17.12 -13.80
N ILE B 20 -7.47 16.15 -13.91
CA ILE B 20 -6.18 16.23 -13.23
C ILE B 20 -5.14 16.66 -14.25
N SER B 21 -4.03 17.23 -13.78
CA SER B 21 -3.08 17.89 -14.66
C SER B 21 -1.65 17.39 -14.47
N CYS B 22 -0.78 17.78 -15.40
CA CYS B 22 0.62 17.41 -15.40
C CYS B 22 1.36 18.53 -16.13
N LYS B 23 2.22 19.25 -15.41
CA LYS B 23 2.97 20.35 -16.00
C LYS B 23 4.44 20.00 -16.19
N GLY B 24 4.96 20.28 -17.38
CA GLY B 24 6.36 20.00 -17.69
C GLY B 24 7.21 21.26 -17.72
N SER B 25 8.41 21.17 -17.17
CA SER B 25 9.36 22.30 -17.20
C SER B 25 10.81 21.82 -17.41
N GLY B 26 11.66 22.74 -17.85
CA GLY B 26 13.06 22.43 -18.14
C GLY B 26 13.31 21.88 -19.52
N TYR B 27 12.27 21.83 -20.35
CA TYR B 27 12.36 21.31 -21.71
C TYR B 27 11.23 21.90 -22.56
N SER B 28 11.27 21.67 -23.87
CA SER B 28 10.20 22.14 -24.75
C SER B 28 9.07 21.12 -24.70
N PHE B 29 7.97 21.53 -24.09
CA PHE B 29 6.82 20.66 -23.83
C PHE B 29 6.16 20.13 -25.12
N THR B 30 6.26 20.93 -26.18
CA THR B 30 5.68 20.58 -27.46
C THR B 30 6.52 19.58 -28.24
N SER B 31 7.66 19.15 -27.69
CA SER B 31 8.53 18.21 -28.41
C SER B 31 8.48 16.79 -27.89
N TYR B 32 7.81 16.57 -26.75
CA TYR B 32 7.70 15.22 -26.18
C TYR B 32 6.26 14.76 -25.99
N TRP B 33 6.03 13.47 -26.26
CA TRP B 33 4.77 12.83 -25.92
C TRP B 33 4.63 12.81 -24.42
N ILE B 34 3.40 12.96 -23.94
CA ILE B 34 3.08 12.72 -22.55
C ILE B 34 2.06 11.59 -22.44
N GLY B 35 2.39 10.57 -21.67
CA GLY B 35 1.45 9.50 -21.37
C GLY B 35 0.93 9.50 -19.94
N TRP B 36 -0.24 8.91 -19.76
CA TRP B 36 -0.85 8.75 -18.46
C TRP B 36 -0.93 7.28 -18.10
N VAL B 37 -0.64 6.98 -16.84
CA VAL B 37 -0.55 5.62 -16.35
C VAL B 37 -1.45 5.48 -15.11
N ARG B 38 -2.18 4.38 -15.03
CA ARG B 38 -3.09 4.14 -13.89
C ARG B 38 -2.57 3.01 -13.02
N GLN B 39 -2.49 3.24 -11.72
CA GLN B 39 -2.14 2.19 -10.79
C GLN B 39 -3.19 2.12 -9.69
N MET B 40 -3.99 1.06 -9.73
CA MET B 40 -5.04 0.84 -8.74
C MET B 40 -4.46 0.32 -7.44
N PRO B 41 -5.18 0.48 -6.30
CA PRO B 41 -4.53 0.14 -5.02
C PRO B 41 -4.06 -1.31 -5.00
N GLY B 42 -2.84 -1.53 -4.49
CA GLY B 42 -2.23 -2.87 -4.42
C GLY B 42 -2.03 -3.62 -5.73
N LYS B 43 -2.01 -2.89 -6.86
CA LYS B 43 -1.94 -3.48 -8.20
C LYS B 43 -0.83 -2.84 -9.06
N GLY B 44 -0.69 -3.35 -10.28
CA GLY B 44 0.36 -2.93 -11.22
C GLY B 44 0.03 -1.74 -12.09
N LEU B 45 0.93 -1.46 -13.03
CA LEU B 45 0.83 -0.30 -13.92
C LEU B 45 -0.01 -0.62 -15.16
N GLU B 46 -0.73 0.39 -15.67
CA GLU B 46 -1.55 0.28 -16.89
C GLU B 46 -1.37 1.54 -17.68
N TRP B 47 -1.01 1.40 -18.96
CA TRP B 47 -0.90 2.57 -19.81
C TRP B 47 -2.30 3.01 -20.23
N MET B 48 -2.60 4.30 -20.09
CA MET B 48 -3.94 4.78 -20.40
C MET B 48 -4.02 5.39 -21.77
N GLY B 49 -2.94 6.02 -22.20
CA GLY B 49 -2.95 6.74 -23.46
C GLY B 49 -1.83 7.75 -23.53
N ILE B 50 -1.79 8.49 -24.64
CA ILE B 50 -0.63 9.32 -24.95
C ILE B 50 -1.02 10.53 -25.78
N ILE B 51 -0.31 11.63 -25.60
CA ILE B 51 -0.63 12.86 -26.31
C ILE B 51 0.64 13.64 -26.65
N TYR B 52 0.66 14.23 -27.85
CA TYR B 52 1.76 15.06 -28.30
C TYR B 52 1.26 16.49 -28.19
N PRO B 53 1.70 17.23 -27.16
CA PRO B 53 1.20 18.57 -26.86
C PRO B 53 1.35 19.60 -27.98
N GLY B 54 2.30 19.36 -28.89
CA GLY B 54 2.47 20.22 -30.07
C GLY B 54 1.22 20.37 -30.93
N ASP B 55 0.53 19.26 -31.19
CA ASP B 55 -0.64 19.29 -32.06
C ASP B 55 -1.83 18.56 -31.42
N SER B 56 -1.66 18.13 -30.18
CA SER B 56 -2.71 17.40 -29.46
C SER B 56 -3.05 16.05 -30.10
N ASP B 57 -2.13 15.53 -30.91
CA ASP B 57 -2.25 14.19 -31.43
C ASP B 57 -2.39 13.26 -30.21
N THR B 58 -3.50 12.53 -30.15
CA THR B 58 -3.83 11.67 -29.00
C THR B 58 -4.10 10.22 -29.42
N ARG B 59 -3.61 9.27 -28.63
CA ARG B 59 -3.89 7.85 -28.84
C ARG B 59 -4.24 7.24 -27.49
N TYR B 60 -5.30 6.44 -27.44
CA TYR B 60 -5.74 5.82 -26.19
C TYR B 60 -5.45 4.33 -26.22
N SER B 61 -5.02 3.76 -25.10
CA SER B 61 -5.06 2.31 -24.96
C SER B 61 -6.52 1.88 -25.11
N PRO B 62 -6.77 0.74 -25.79
CA PRO B 62 -8.14 0.25 -26.09
C PRO B 62 -9.07 0.14 -24.85
N SER B 63 -8.52 -0.29 -23.72
CA SER B 63 -9.28 -0.37 -22.46
C SER B 63 -9.83 0.98 -22.03
N PHE B 64 -9.13 2.07 -22.38
CA PHE B 64 -9.49 3.40 -21.91
C PHE B 64 -10.14 4.27 -22.96
N GLN B 65 -10.08 3.82 -24.20
CA GLN B 65 -10.77 4.49 -25.31
C GLN B 65 -12.22 4.81 -24.91
N GLY B 66 -12.55 6.09 -24.88
CA GLY B 66 -13.90 6.52 -24.55
C GLY B 66 -14.26 6.48 -23.06
N GLN B 67 -13.30 6.19 -22.18
CA GLN B 67 -13.53 6.23 -20.73
C GLN B 67 -13.06 7.55 -20.11
N VAL B 68 -12.08 8.17 -20.76
CA VAL B 68 -11.42 9.38 -20.29
C VAL B 68 -11.07 10.26 -21.48
N THR B 69 -10.76 11.53 -21.24
CA THR B 69 -10.26 12.41 -22.29
C THR B 69 -8.87 12.94 -21.93
N ILE B 70 -7.90 12.71 -22.79
CA ILE B 70 -6.58 13.22 -22.58
C ILE B 70 -6.44 14.48 -23.44
N SER B 71 -5.94 15.57 -22.85
CA SER B 71 -5.77 16.81 -23.60
C SER B 71 -4.51 17.54 -23.16
N ALA B 72 -4.24 18.67 -23.79
CA ALA B 72 -3.06 19.45 -23.50
C ALA B 72 -3.32 20.92 -23.79
N ASP B 73 -2.78 21.77 -22.91
CA ASP B 73 -2.75 23.21 -23.13
C ASP B 73 -1.28 23.60 -23.28
N LYS B 74 -0.83 23.74 -24.51
CA LYS B 74 0.60 23.94 -24.78
C LYS B 74 1.07 25.32 -24.36
N SER B 75 0.18 26.31 -24.46
CA SER B 75 0.50 27.68 -24.03
C SER B 75 0.92 27.78 -22.55
N ILE B 76 0.71 26.72 -21.76
CA ILE B 76 1.11 26.68 -20.36
C ILE B 76 1.84 25.39 -19.94
N SER B 77 2.31 24.64 -20.94
CA SER B 77 3.09 23.40 -20.76
C SER B 77 2.40 22.31 -19.92
N THR B 78 1.10 22.13 -20.12
CA THR B 78 0.31 21.26 -19.27
C THR B 78 -0.44 20.23 -20.10
N ALA B 79 -0.42 18.99 -19.63
CA ALA B 79 -1.26 17.94 -20.17
C ALA B 79 -2.34 17.61 -19.12
N TYR B 80 -3.47 17.05 -19.56
CA TYR B 80 -4.59 16.75 -18.67
C TYR B 80 -5.21 15.37 -18.92
N LEU B 81 -5.84 14.82 -17.87
CA LEU B 81 -6.61 13.59 -17.96
C LEU B 81 -7.90 13.87 -17.22
N GLN B 82 -9.04 13.68 -17.88
CA GLN B 82 -10.33 13.99 -17.29
C GLN B 82 -11.40 12.89 -17.42
N TRP B 83 -12.32 12.90 -16.47
CA TRP B 83 -13.50 12.06 -16.50
C TRP B 83 -14.70 12.97 -16.40
N SER B 84 -15.72 12.70 -17.20
CA SER B 84 -16.96 13.45 -17.07
C SER B 84 -17.92 12.82 -16.04
N SER B 85 -17.74 11.56 -15.70
CA SER B 85 -18.56 10.91 -14.66
C SER B 85 -17.80 9.77 -13.98
N LEU B 86 -17.34 10.04 -12.75
CA LEU B 86 -16.44 9.13 -12.04
C LEU B 86 -17.18 7.94 -11.43
N LYS B 87 -16.50 6.80 -11.36
CA LYS B 87 -17.00 5.64 -10.64
C LYS B 87 -16.02 5.32 -9.51
N ALA B 88 -16.49 4.54 -8.54
CA ALA B 88 -15.67 4.08 -7.43
C ALA B 88 -14.45 3.32 -7.92
N SER B 89 -14.63 2.57 -9.00
CA SER B 89 -13.55 1.83 -9.61
C SER B 89 -12.45 2.72 -10.22
N ASP B 90 -12.70 4.02 -10.37
CA ASP B 90 -11.69 4.95 -10.89
C ASP B 90 -10.65 5.32 -9.84
N THR B 91 -10.86 4.83 -8.61
CA THR B 91 -9.95 5.03 -7.49
C THR B 91 -8.62 4.39 -7.80
N ALA B 92 -7.58 5.22 -7.83
CA ALA B 92 -6.25 4.79 -8.22
C ALA B 92 -5.29 5.94 -8.09
N MET B 93 -4.01 5.62 -8.14
CA MET B 93 -2.96 6.60 -8.32
C MET B 93 -2.74 6.77 -9.82
N TYR B 94 -2.60 8.02 -10.27
CA TYR B 94 -2.38 8.35 -11.67
C TYR B 94 -1.06 9.06 -11.89
N TYR B 95 -0.23 8.51 -12.77
CA TYR B 95 1.07 9.10 -13.12
C TYR B 95 1.04 9.65 -14.54
N CYS B 96 1.72 10.77 -14.75
CA CYS B 96 2.07 11.18 -16.10
C CYS B 96 3.54 10.89 -16.33
N ALA B 97 3.93 10.75 -17.58
CA ALA B 97 5.31 10.40 -17.89
C ALA B 97 5.68 10.91 -19.28
N ARG B 98 6.93 11.33 -19.42
CA ARG B 98 7.43 11.88 -20.68
C ARG B 98 7.94 10.72 -21.51
N TYR B 99 7.32 10.51 -22.67
CA TYR B 99 7.65 9.37 -23.52
C TYR B 99 8.67 9.73 -24.60
N ASP B 100 9.87 9.18 -24.48
CA ASP B 100 10.91 9.39 -25.48
C ASP B 100 11.13 8.15 -26.34
N GLY B 101 10.84 8.29 -27.64
CA GLY B 101 11.05 7.23 -28.63
C GLY B 101 12.48 7.04 -29.10
N ILE B 102 13.11 8.14 -29.53
CA ILE B 102 14.44 8.12 -30.15
C ILE B 102 15.56 7.52 -29.29
N LEU B 106 10.52 6.54 -21.45
CA LEU B 106 9.86 6.91 -20.19
C LEU B 106 10.87 7.23 -19.09
N ASP B 107 11.70 8.22 -19.40
CA ASP B 107 12.78 8.65 -18.51
C ASP B 107 12.26 9.47 -17.33
N PHE B 108 11.35 10.40 -17.60
CA PHE B 108 10.83 11.33 -16.59
C PHE B 108 9.34 11.12 -16.24
N TRP B 109 9.09 10.93 -14.95
CA TRP B 109 7.76 10.65 -14.43
C TRP B 109 7.28 11.72 -13.47
N GLY B 110 5.97 11.95 -13.42
CA GLY B 110 5.40 12.83 -12.39
C GLY B 110 5.41 12.11 -11.05
N GLN B 111 5.05 12.84 -9.98
CA GLN B 111 5.05 12.29 -8.62
C GLN B 111 3.77 11.48 -8.31
N GLY B 112 2.79 11.56 -9.20
CA GLY B 112 1.52 10.86 -9.02
C GLY B 112 0.44 11.75 -8.44
N THR B 113 -0.80 11.46 -8.80
CA THR B 113 -1.96 12.13 -8.26
C THR B 113 -2.87 11.02 -7.75
N LEU B 114 -3.08 10.96 -6.45
CA LEU B 114 -3.96 9.96 -5.83
C LEU B 114 -5.40 10.42 -6.02
N VAL B 115 -6.23 9.56 -6.60
CA VAL B 115 -7.62 9.89 -6.82
C VAL B 115 -8.48 8.89 -6.06
N THR B 116 -9.25 9.39 -5.09
CA THR B 116 -10.15 8.53 -4.35
C THR B 116 -11.57 8.84 -4.78
N VAL B 117 -12.32 7.83 -5.18
CA VAL B 117 -13.71 8.01 -5.57
C VAL B 117 -14.58 7.12 -4.71
N SER B 118 -15.40 7.74 -3.85
CA SER B 118 -16.24 7.00 -2.91
C SER B 118 -17.57 7.73 -2.69
N SER B 119 -18.63 6.97 -2.42
CA SER B 119 -19.91 7.54 -2.02
C SER B 119 -19.89 7.98 -0.54
N ALA B 120 -18.90 7.52 0.22
CA ALA B 120 -18.76 7.92 1.63
C ALA B 120 -18.57 9.42 1.77
N SER B 121 -18.79 9.93 2.98
CA SER B 121 -18.71 11.36 3.23
C SER B 121 -17.75 11.63 4.37
N THR B 122 -17.12 12.81 4.35
CA THR B 122 -16.15 13.19 5.38
C THR B 122 -16.67 12.88 6.78
N LYS B 123 -15.83 12.24 7.58
CA LYS B 123 -16.20 11.82 8.91
C LYS B 123 -14.95 11.61 9.72
N GLY B 124 -14.95 12.08 10.97
CA GLY B 124 -13.82 11.91 11.87
C GLY B 124 -13.93 10.64 12.69
N PRO B 125 -12.77 10.05 13.04
CA PRO B 125 -12.75 8.80 13.78
C PRO B 125 -13.19 8.93 15.23
N SER B 126 -13.66 7.83 15.80
CA SER B 126 -13.66 7.61 17.24
C SER B 126 -12.39 6.80 17.57
N VAL B 127 -11.72 7.15 18.66
CA VAL B 127 -10.48 6.50 19.05
C VAL B 127 -10.71 5.69 20.32
N PHE B 128 -10.54 4.38 20.21
CA PHE B 128 -10.74 3.47 21.32
C PHE B 128 -9.42 2.88 21.79
N PRO B 129 -9.30 2.52 23.08
CA PRO B 129 -8.04 1.96 23.53
C PRO B 129 -7.87 0.48 23.19
N LEU B 130 -6.63 0.10 22.91
CA LEU B 130 -6.22 -1.29 22.94
C LEU B 130 -5.39 -1.41 24.23
N ALA B 131 -6.06 -1.82 25.30
CA ALA B 131 -5.48 -1.81 26.63
C ALA B 131 -4.61 -3.04 26.90
N PRO B 132 -3.45 -2.84 27.53
CA PRO B 132 -2.55 -3.95 27.88
C PRO B 132 -3.13 -4.89 28.94
N SER B 133 -2.64 -6.13 28.99
CA SER B 133 -3.03 -7.07 30.05
C SER B 133 -1.81 -7.64 30.80
N GLY B 140 9.39 -9.56 29.22
CA GLY B 140 8.71 -8.49 29.94
C GLY B 140 8.19 -7.42 29.00
N THR B 141 7.61 -7.87 27.88
CA THR B 141 7.06 -6.97 26.85
C THR B 141 5.54 -6.96 26.88
N ALA B 142 4.95 -5.77 26.99
CA ALA B 142 3.52 -5.56 26.85
C ALA B 142 3.23 -4.90 25.50
N ALA B 143 2.03 -5.09 24.98
CA ALA B 143 1.58 -4.30 23.84
C ALA B 143 0.37 -3.48 24.28
N LEU B 144 0.27 -2.27 23.75
CA LEU B 144 -0.92 -1.46 23.93
C LEU B 144 -1.03 -0.59 22.72
N GLY B 145 -2.20 -0.01 22.48
CA GLY B 145 -2.37 0.87 21.34
C GLY B 145 -3.69 1.58 21.22
N CYS B 146 -3.96 2.05 20.01
CA CYS B 146 -5.16 2.82 19.70
C CYS B 146 -5.89 2.32 18.45
N LEU B 147 -7.19 2.20 18.57
CA LEU B 147 -8.04 1.78 17.46
C LEU B 147 -8.80 3.00 16.95
N VAL B 148 -8.42 3.42 15.74
CA VAL B 148 -8.91 4.64 15.10
C VAL B 148 -9.97 4.26 14.08
N LYS B 149 -11.22 4.27 14.53
CA LYS B 149 -12.32 3.60 13.83
C LYS B 149 -13.32 4.54 13.18
N ASP B 150 -13.72 4.17 11.97
CA ASP B 150 -14.84 4.79 11.27
C ASP B 150 -14.60 6.23 10.80
N TYR B 151 -13.56 6.40 9.97
CA TYR B 151 -13.27 7.71 9.40
C TYR B 151 -13.15 7.71 7.88
N PHE B 152 -13.33 8.90 7.28
CA PHE B 152 -13.18 9.08 5.82
C PHE B 152 -12.96 10.54 5.51
N PRO B 153 -12.05 10.84 4.54
CA PRO B 153 -11.20 9.89 3.85
C PRO B 153 -9.85 9.78 4.54
N GLU B 154 -8.89 9.14 3.87
CA GLU B 154 -7.52 9.06 4.33
C GLU B 154 -6.87 10.42 4.17
N PRO B 155 -5.81 10.72 4.94
CA PRO B 155 -5.15 9.87 5.94
C PRO B 155 -5.49 10.28 7.38
N VAL B 156 -5.07 9.47 8.34
CA VAL B 156 -4.95 9.93 9.71
C VAL B 156 -3.47 9.92 10.04
N THR B 157 -3.06 10.76 10.99
CA THR B 157 -1.72 10.65 11.51
C THR B 157 -1.86 10.23 12.96
N VAL B 158 -0.94 9.38 13.40
CA VAL B 158 -0.92 8.95 14.79
C VAL B 158 0.51 9.03 15.25
N SER B 159 0.70 9.69 16.39
CA SER B 159 1.96 9.65 17.08
C SER B 159 1.70 9.23 18.52
N TRP B 160 2.75 8.87 19.23
CA TRP B 160 2.67 8.42 20.60
C TRP B 160 3.45 9.40 21.45
N ASN B 161 2.87 9.80 22.59
CA ASN B 161 3.44 10.82 23.48
C ASN B 161 4.05 12.02 22.72
N SER B 162 3.24 12.64 21.86
CA SER B 162 3.64 13.85 21.14
C SER B 162 4.97 13.72 20.37
N GLY B 163 5.36 12.49 20.02
CA GLY B 163 6.60 12.25 19.30
C GLY B 163 7.76 11.72 20.14
N ALA B 164 7.60 11.72 21.46
CA ALA B 164 8.67 11.27 22.37
C ALA B 164 8.83 9.75 22.37
N LEU B 165 7.82 9.04 21.87
CA LEU B 165 7.82 7.59 21.80
C LEU B 165 7.68 7.15 20.35
N THR B 166 8.80 6.70 19.78
CA THR B 166 8.84 6.25 18.39
C THR B 166 9.24 4.78 18.30
N SER B 167 9.99 4.31 19.29
CA SER B 167 10.52 2.96 19.28
C SER B 167 9.43 1.92 19.57
N GLY B 168 9.32 0.95 18.67
CA GLY B 168 8.37 -0.14 18.81
C GLY B 168 6.94 0.20 18.42
N VAL B 169 6.76 1.36 17.78
CA VAL B 169 5.45 1.79 17.29
C VAL B 169 5.22 1.22 15.89
N HIS B 170 4.07 0.59 15.70
CA HIS B 170 3.58 0.22 14.39
C HIS B 170 2.22 0.84 14.21
N THR B 171 2.10 1.64 13.16
CA THR B 171 0.84 2.20 12.76
C THR B 171 0.50 1.49 11.46
N PHE B 172 -0.57 0.71 11.53
CA PHE B 172 -0.94 -0.18 10.45
C PHE B 172 -1.61 0.55 9.28
N PRO B 173 -1.44 0.02 8.06
CA PRO B 173 -2.25 0.57 6.96
C PRO B 173 -3.74 0.42 7.29
N ALA B 174 -4.53 1.41 6.93
CA ALA B 174 -5.96 1.36 7.19
C ALA B 174 -6.63 0.29 6.35
N VAL B 175 -7.73 -0.28 6.86
CA VAL B 175 -8.55 -1.17 6.07
C VAL B 175 -9.84 -0.46 5.72
N LEU B 176 -10.34 -0.74 4.53
CA LEU B 176 -11.58 -0.13 4.09
C LEU B 176 -12.71 -1.07 4.44
N GLN B 177 -13.59 -0.62 5.32
CA GLN B 177 -14.74 -1.41 5.73
C GLN B 177 -15.82 -1.41 4.64
N SER B 178 -16.79 -2.32 4.74
CA SER B 178 -17.90 -2.39 3.79
C SER B 178 -18.76 -1.11 3.82
N SER B 179 -18.85 -0.49 4.99
CA SER B 179 -19.58 0.78 5.16
C SER B 179 -18.98 1.94 4.38
N GLY B 180 -17.74 1.79 3.92
CA GLY B 180 -17.08 2.84 3.14
C GLY B 180 -16.20 3.73 3.99
N LEU B 181 -16.12 3.43 5.28
CA LEU B 181 -15.24 4.14 6.19
C LEU B 181 -13.99 3.33 6.55
N TYR B 182 -12.87 4.04 6.70
CA TYR B 182 -11.63 3.41 7.07
C TYR B 182 -11.50 3.19 8.57
N SER B 183 -10.61 2.27 8.90
CA SER B 183 -10.31 1.94 10.26
C SER B 183 -8.86 1.52 10.28
N LEU B 184 -8.17 1.91 11.34
CA LEU B 184 -6.73 1.75 11.43
C LEU B 184 -6.38 1.47 12.87
N SER B 185 -5.28 0.77 13.08
CA SER B 185 -4.76 0.59 14.43
C SER B 185 -3.30 1.01 14.53
N SER B 186 -2.95 1.55 15.70
CA SER B 186 -1.58 1.89 16.00
C SER B 186 -1.29 1.25 17.32
N VAL B 187 -0.15 0.57 17.41
CA VAL B 187 0.25 -0.14 18.62
C VAL B 187 1.69 0.15 18.99
N VAL B 188 2.04 -0.16 20.24
CA VAL B 188 3.42 -0.07 20.69
C VAL B 188 3.68 -1.16 21.73
N THR B 189 4.92 -1.64 21.77
CA THR B 189 5.35 -2.59 22.78
C THR B 189 6.33 -1.89 23.70
N VAL B 190 6.20 -2.17 25.00
CA VAL B 190 6.91 -1.45 26.04
C VAL B 190 7.24 -2.44 27.15
N PRO B 191 8.20 -2.11 28.04
CA PRO B 191 8.42 -2.97 29.21
C PRO B 191 7.15 -3.08 30.07
N SER B 192 6.87 -4.26 30.61
CA SER B 192 5.71 -4.49 31.47
C SER B 192 5.78 -3.74 32.79
N SER B 193 7.00 -3.60 33.32
CA SER B 193 7.25 -2.90 34.59
C SER B 193 6.90 -1.42 34.51
N SER B 194 7.00 -0.86 33.30
CA SER B 194 6.66 0.52 33.02
C SER B 194 5.14 0.83 33.10
N LEU B 195 4.29 -0.19 33.03
CA LEU B 195 2.84 0.03 32.91
C LEU B 195 2.18 0.88 34.00
N GLY B 196 2.68 0.78 35.21
CA GLY B 196 2.14 1.57 36.32
C GLY B 196 2.76 2.95 36.45
N THR B 197 3.96 3.13 35.90
CA THR B 197 4.69 4.39 36.04
C THR B 197 4.63 5.29 34.79
N GLN B 198 4.80 4.72 33.60
CA GLN B 198 4.91 5.52 32.38
C GLN B 198 3.55 5.76 31.71
N THR B 199 3.35 7.01 31.27
CA THR B 199 2.14 7.42 30.58
C THR B 199 2.26 7.14 29.08
N TYR B 200 1.18 6.63 28.49
CA TYR B 200 1.13 6.38 27.05
C TYR B 200 -0.12 7.01 26.47
N ILE B 201 0.08 7.98 25.58
CA ILE B 201 -1.01 8.73 24.99
C ILE B 201 -0.86 8.68 23.48
N CYS B 202 -1.92 8.29 22.78
CA CYS B 202 -1.89 8.35 21.34
C CYS B 202 -2.50 9.64 20.85
N ASN B 203 -1.76 10.31 19.97
CA ASN B 203 -2.17 11.57 19.43
C ASN B 203 -2.62 11.35 17.98
N VAL B 204 -3.94 11.41 17.80
CA VAL B 204 -4.61 11.13 16.55
C VAL B 204 -5.06 12.45 15.94
N ASN B 205 -4.91 12.56 14.63
CA ASN B 205 -5.42 13.70 13.89
C ASN B 205 -5.93 13.27 12.53
N HIS B 206 -7.12 13.75 12.19
CA HIS B 206 -7.74 13.51 10.92
C HIS B 206 -8.12 14.88 10.41
N LYS B 207 -7.15 15.52 9.75
CA LYS B 207 -7.31 16.87 9.20
C LYS B 207 -8.57 17.08 8.33
N PRO B 208 -8.86 16.18 7.35
CA PRO B 208 -10.06 16.36 6.51
C PRO B 208 -11.34 16.66 7.26
N SER B 209 -11.50 16.12 8.47
CA SER B 209 -12.71 16.35 9.27
C SER B 209 -12.40 17.26 10.45
N ASN B 210 -11.14 17.70 10.53
CA ASN B 210 -10.67 18.52 11.63
C ASN B 210 -10.93 17.91 13.02
N THR B 211 -10.65 16.61 13.16
CA THR B 211 -10.83 15.88 14.43
C THR B 211 -9.48 15.56 15.02
N LYS B 212 -9.20 16.13 16.18
CA LYS B 212 -7.93 15.89 16.87
C LYS B 212 -8.23 15.32 18.23
N VAL B 213 -7.56 14.22 18.55
CA VAL B 213 -7.87 13.44 19.74
C VAL B 213 -6.56 13.03 20.43
N ASP B 214 -6.53 13.13 21.75
CA ASP B 214 -5.47 12.55 22.58
C ASP B 214 -6.08 11.53 23.52
N LYS B 215 -5.68 10.27 23.38
CA LYS B 215 -6.18 9.18 24.22
C LYS B 215 -5.11 8.58 25.14
N LYS B 216 -5.30 8.69 26.45
CA LYS B 216 -4.47 7.96 27.41
C LYS B 216 -4.84 6.47 27.44
N VAL B 217 -3.83 5.62 27.27
CA VAL B 217 -4.02 4.17 27.32
C VAL B 217 -3.29 3.56 28.52
N GLU B 218 -4.04 2.77 29.29
CA GLU B 218 -3.52 2.16 30.50
C GLU B 218 -4.28 0.87 30.83
N PRO B 219 -3.74 0.05 31.76
CA PRO B 219 -4.33 -1.26 32.04
C PRO B 219 -5.74 -1.07 32.57
N LYS B 220 -6.70 -1.77 31.98
CA LYS B 220 -8.10 -1.67 32.40
C LYS B 220 -8.24 -2.29 33.79
N SER B 221 -8.76 -1.55 34.76
CA SER B 221 -8.98 -2.09 36.10
C SER B 221 -10.37 -2.74 36.25
N CYS B 222 -10.60 -3.39 37.39
CA CYS B 222 -11.80 -4.20 37.59
C CYS B 222 -12.56 -3.80 38.85
#